data_4JLJ
#
_entry.id   4JLJ
#
_cell.length_a   68.998
_cell.length_b   68.998
_cell.length_c   123.180
_cell.angle_alpha   90.00
_cell.angle_beta   90.00
_cell.angle_gamma   90.00
#
_symmetry.space_group_name_H-M   'P 41'
#
loop_
_entity.id
_entity.type
_entity.pdbx_description
1 polymer 'Deoxycytidine kinase'
2 non-polymer 2-[({2-[3-(2-fluoroethoxy)-4-methoxyphenyl]-1,3-thiazol-4-yl}methyl)sulfanyl]pyrimidine-4,6-diamine
3 non-polymer "URIDINE-5'-DIPHOSPHATE"
4 water water
#
_entity_poly.entity_id   1
_entity_poly.type   'polypeptide(L)'
_entity_poly.pdbx_seq_one_letter_code
;MGSSHHHHHHSSGLVPRGSHMATPPKRSSPSFSASSEGTRIKKISIEGNIAAGKSTFVNILKQLSEDWEVVPEPVARWSN
VQSTQDEFEELTMEQKNGGNVLQMMYEKPERWSFTFQTYACLSRIRAQLASLNGKLKDAEKPVLFFERSVYSDRYIFASN
LYESESMNETEWTIYQDWHDWMNNQFGQSLELDGIIYLQATPETCLHRIYLRGRNEEQGIPLEYLEKLHYKHESWLLHRT
LKTNFDYLQEVPILTLDVNEDFKDKYESLVEKVKEFLSTL
;
_entity_poly.pdbx_strand_id   A,B
#
loop_
_chem_comp.id
_chem_comp.type
_chem_comp.name
_chem_comp.formula
1NM non-polymer 2-[({2-[3-(2-fluoroethoxy)-4-methoxyphenyl]-1,3-thiazol-4-yl}methyl)sulfanyl]pyrimidine-4,6-diamine 'C17 H18 F N5 O2 S2'
UDP RNA linking URIDINE-5'-DIPHOSPHATE 'C9 H14 N2 O12 P2'
#
# COMPACT_ATOMS: atom_id res chain seq x y z
N ARG A 40 10.38 -9.56 -22.93
CA ARG A 40 10.74 -11.00 -23.14
C ARG A 40 11.77 -11.50 -22.13
N ILE A 41 12.16 -10.62 -21.19
CA ILE A 41 13.00 -11.02 -20.04
C ILE A 41 12.37 -12.18 -19.25
N LYS A 42 13.14 -13.25 -19.00
CA LYS A 42 12.66 -14.41 -18.23
C LYS A 42 12.72 -14.04 -16.76
N LYS A 43 11.61 -14.18 -16.03
CA LYS A 43 11.62 -13.91 -14.59
C LYS A 43 11.64 -15.19 -13.77
N ILE A 44 12.64 -15.32 -12.91
CA ILE A 44 12.89 -16.54 -12.12
C ILE A 44 13.07 -16.12 -10.66
N SER A 45 12.24 -16.67 -9.76
CA SER A 45 12.41 -16.49 -8.32
C SER A 45 13.40 -17.51 -7.73
N ILE A 46 14.42 -17.06 -6.97
CA ILE A 46 15.26 -17.93 -6.09
C ILE A 46 14.70 -17.97 -4.63
N GLU A 47 14.19 -19.13 -4.21
CA GLU A 47 13.47 -19.24 -2.94
C GLU A 47 14.13 -20.23 -1.98
N GLY A 48 13.85 -20.02 -0.70
CA GLY A 48 14.35 -20.90 0.35
C GLY A 48 14.58 -20.25 1.71
N ASN A 49 14.89 -21.08 2.68
CA ASN A 49 15.02 -20.62 4.07
C ASN A 49 16.16 -19.64 4.34
N ILE A 50 16.09 -18.98 5.48
CA ILE A 50 17.16 -18.12 5.96
C ILE A 50 18.50 -18.87 5.97
N ALA A 51 19.52 -18.28 5.38
CA ALA A 51 20.89 -18.88 5.25
C ALA A 51 20.94 -20.16 4.44
N ALA A 52 19.99 -20.34 3.50
CA ALA A 52 20.02 -21.50 2.60
C ALA A 52 21.19 -21.45 1.62
N GLY A 53 21.70 -20.23 1.41
CA GLY A 53 22.68 -19.92 0.36
C GLY A 53 22.10 -19.20 -0.84
N LYS A 54 20.95 -18.54 -0.70
CA LYS A 54 20.37 -17.76 -1.83
C LYS A 54 21.31 -16.67 -2.36
N SER A 55 21.84 -15.83 -1.47
CA SER A 55 22.70 -14.74 -1.89
C SER A 55 23.98 -15.27 -2.56
N THR A 56 24.58 -16.28 -1.97
CA THR A 56 25.76 -16.91 -2.52
C THR A 56 25.46 -17.38 -3.95
N PHE A 57 24.38 -18.16 -4.09
CA PHE A 57 23.92 -18.74 -5.38
C PHE A 57 23.67 -17.65 -6.43
N VAL A 58 22.86 -16.65 -6.09
CA VAL A 58 22.56 -15.59 -7.06
C VAL A 58 23.80 -14.80 -7.49
N ASN A 59 24.74 -14.60 -6.57
CA ASN A 59 25.96 -13.85 -6.91
C ASN A 59 26.90 -14.66 -7.84
N ILE A 60 26.80 -16.00 -7.75
CA ILE A 60 27.45 -16.96 -8.68
C ILE A 60 26.85 -16.86 -10.09
N LEU A 61 25.53 -16.84 -10.17
CA LEU A 61 24.81 -16.85 -11.43
C LEU A 61 24.97 -15.58 -12.27
N LYS A 62 24.96 -14.40 -11.63
CA LYS A 62 25.07 -13.16 -12.40
C LYS A 62 26.43 -12.99 -13.08
N GLN A 63 27.45 -13.64 -12.52
CA GLN A 63 28.80 -13.62 -13.02
C GLN A 63 29.06 -14.63 -14.16
N LEU A 64 28.09 -15.47 -14.47
CA LEU A 64 28.34 -16.55 -15.42
C LEU A 64 27.95 -16.14 -16.81
N SER A 65 27.00 -15.22 -16.89
CA SER A 65 26.56 -14.71 -18.17
C SER A 65 26.36 -13.21 -18.17
N GLU A 66 26.63 -12.62 -19.33
CA GLU A 66 26.29 -11.23 -19.58
C GLU A 66 24.78 -11.06 -19.70
N ASP A 67 24.06 -12.16 -19.95
CA ASP A 67 22.60 -12.13 -20.00
C ASP A 67 21.91 -12.28 -18.64
N TRP A 68 22.68 -12.53 -17.59
CA TRP A 68 22.11 -12.92 -16.30
C TRP A 68 22.30 -11.82 -15.26
N GLU A 69 21.18 -11.39 -14.68
CA GLU A 69 21.11 -10.28 -13.71
C GLU A 69 20.32 -10.64 -12.44
N VAL A 70 20.63 -9.94 -11.35
CA VAL A 70 20.15 -10.23 -10.02
C VAL A 70 19.41 -9.02 -9.41
N VAL A 71 18.18 -9.21 -8.89
CA VAL A 71 17.64 -8.30 -7.87
C VAL A 71 17.59 -8.88 -6.44
N PRO A 72 18.50 -8.41 -5.56
CA PRO A 72 18.49 -8.81 -4.15
C PRO A 72 17.27 -8.22 -3.45
N GLU A 73 16.81 -8.88 -2.39
CA GLU A 73 15.57 -8.44 -1.76
C GLU A 73 15.88 -7.25 -0.84
N PRO A 74 14.90 -6.36 -0.64
CA PRO A 74 14.98 -5.20 0.26
C PRO A 74 15.43 -5.52 1.69
N VAL A 75 14.87 -6.55 2.30
CA VAL A 75 15.23 -6.88 3.67
C VAL A 75 16.74 -7.10 3.80
N ALA A 76 17.36 -7.75 2.81
CA ALA A 76 18.83 -7.92 2.82
C ALA A 76 19.48 -6.56 2.87
N ARG A 77 19.01 -5.67 2.01
CA ARG A 77 19.62 -4.34 1.92
C ARG A 77 19.55 -3.56 3.24
N TRP A 78 18.40 -3.66 3.94
CA TRP A 78 18.16 -2.93 5.19
C TRP A 78 19.07 -3.35 6.34
N SER A 79 19.33 -4.65 6.42
CA SER A 79 20.05 -5.31 7.50
C SER A 79 21.53 -4.96 7.50
N ASN A 80 21.85 -3.67 7.39
CA ASN A 80 23.24 -3.23 7.12
C ASN A 80 23.75 -2.08 8.01
N GLU A 90 24.50 9.45 2.36
CA GLU A 90 25.36 8.36 1.87
C GLU A 90 24.67 7.00 1.82
N LEU A 91 23.42 6.93 2.31
CA LEU A 91 22.52 5.76 2.22
C LEU A 91 21.07 6.23 2.05
N THR A 92 20.26 5.55 1.23
CA THR A 92 18.94 6.11 0.84
C THR A 92 17.87 6.13 1.94
N MET A 93 16.78 6.85 1.67
CA MET A 93 15.71 6.95 2.66
C MET A 93 14.86 5.67 2.81
N GLU A 94 15.02 4.72 1.89
CA GLU A 94 14.45 3.39 2.08
C GLU A 94 15.24 2.63 3.13
N GLN A 95 16.57 2.75 3.10
CA GLN A 95 17.47 2.19 4.13
C GLN A 95 17.12 2.73 5.49
N LYS A 96 17.04 4.05 5.56
CA LYS A 96 16.63 4.80 6.73
C LYS A 96 15.39 4.15 7.33
N ASN A 97 14.31 4.13 6.54
CA ASN A 97 13.04 3.55 6.93
C ASN A 97 13.13 2.03 7.18
N GLY A 98 13.91 1.35 6.35
CA GLY A 98 14.11 -0.08 6.48
C GLY A 98 14.91 -0.39 7.74
N GLY A 99 16.01 0.31 7.96
CA GLY A 99 16.76 0.17 9.21
C GLY A 99 15.87 0.22 10.45
N ASN A 100 15.14 1.33 10.63
CA ASN A 100 14.25 1.52 11.79
C ASN A 100 13.24 0.36 12.04
N VAL A 101 12.46 -0.01 11.03
CA VAL A 101 11.39 -1.04 11.21
C VAL A 101 11.87 -2.50 11.45
N LEU A 102 13.01 -2.86 10.86
CA LEU A 102 13.66 -4.16 11.14
C LEU A 102 14.06 -4.24 12.62
N GLN A 103 14.69 -3.17 13.11
CA GLN A 103 14.98 -3.01 14.54
C GLN A 103 13.75 -3.00 15.44
N MET A 104 12.73 -2.25 15.03
CA MET A 104 11.43 -2.15 15.72
CA MET A 104 11.52 -2.22 15.84
C MET A 104 10.77 -3.54 15.81
N MET A 105 10.87 -4.28 14.71
CA MET A 105 10.29 -5.63 14.62
C MET A 105 10.92 -6.61 15.59
N TYR A 106 12.20 -6.43 15.87
CA TYR A 106 12.91 -7.27 16.83
C TYR A 106 12.48 -7.05 18.28
N GLU A 107 12.25 -5.80 18.65
CA GLU A 107 11.68 -5.54 19.97
C GLU A 107 10.25 -6.13 20.04
N LYS A 108 9.39 -5.71 19.11
CA LYS A 108 7.96 -5.86 19.32
C LYS A 108 7.27 -6.30 18.03
N PRO A 109 7.36 -7.60 17.69
CA PRO A 109 6.80 -8.03 16.39
C PRO A 109 5.28 -7.86 16.33
N GLU A 110 4.60 -7.99 17.47
CA GLU A 110 3.15 -7.83 17.50
C GLU A 110 2.69 -6.36 17.33
N ARG A 111 3.61 -5.40 17.47
CA ARG A 111 3.33 -3.98 17.12
C ARG A 111 3.70 -3.64 15.68
N TRP A 112 4.79 -4.20 15.17
CA TRP A 112 5.41 -3.68 13.95
C TRP A 112 5.31 -4.53 12.67
N SER A 113 5.04 -5.82 12.81
CA SER A 113 4.81 -6.79 11.70
C SER A 113 4.03 -6.32 10.43
N PHE A 114 2.83 -5.78 10.62
CA PHE A 114 2.03 -5.24 9.52
C PHE A 114 2.79 -4.12 8.78
N THR A 115 3.33 -3.15 9.50
CA THR A 115 4.02 -1.99 8.91
C THR A 115 5.23 -2.46 8.13
N PHE A 116 6.01 -3.33 8.76
CA PHE A 116 7.17 -3.94 8.15
C PHE A 116 6.80 -4.74 6.93
N GLN A 117 5.89 -5.71 7.10
CA GLN A 117 5.47 -6.54 5.97
C GLN A 117 4.94 -5.73 4.79
N THR A 118 4.12 -4.72 5.10
CA THR A 118 3.59 -3.83 4.05
C THR A 118 4.75 -3.14 3.32
N TYR A 119 5.71 -2.59 4.08
CA TYR A 119 6.83 -1.85 3.49
C TYR A 119 7.82 -2.70 2.72
N ALA A 120 8.11 -3.90 3.24
CA ALA A 120 9.01 -4.86 2.58
C ALA A 120 8.53 -5.23 1.18
N CYS A 121 7.22 -5.47 1.07
CA CYS A 121 6.60 -5.85 -0.20
C CYS A 121 6.56 -4.73 -1.27
N LEU A 122 6.22 -3.51 -0.87
CA LEU A 122 6.35 -2.35 -1.78
C LEU A 122 7.78 -2.17 -2.25
N SER A 123 8.71 -2.23 -1.31
CA SER A 123 10.11 -2.06 -1.58
C SER A 123 10.59 -3.12 -2.57
N ARG A 124 10.07 -4.34 -2.46
CA ARG A 124 10.43 -5.42 -3.39
C ARG A 124 9.88 -5.14 -4.80
N ILE A 125 8.58 -4.80 -4.85
CA ILE A 125 7.89 -4.48 -6.11
C ILE A 125 8.58 -3.34 -6.90
N ARG A 126 8.97 -2.29 -6.20
CA ARG A 126 9.64 -1.16 -6.82
C ARG A 126 10.94 -1.62 -7.46
N ALA A 127 11.79 -2.25 -6.65
CA ALA A 127 13.06 -2.80 -7.11
C ALA A 127 12.92 -3.72 -8.33
N GLN A 128 11.94 -4.63 -8.29
CA GLN A 128 11.69 -5.58 -9.38
C GLN A 128 11.22 -4.89 -10.68
N LEU A 129 10.45 -3.81 -10.54
CA LEU A 129 10.11 -2.92 -11.65
C LEU A 129 11.35 -2.14 -12.14
N ALA A 130 12.14 -1.59 -11.22
CA ALA A 130 13.39 -0.92 -11.61
C ALA A 130 14.29 -1.74 -12.57
N SER A 131 14.58 -3.00 -12.24
CA SER A 131 15.43 -3.87 -13.08
C SER A 131 14.78 -4.38 -14.36
N LEU A 132 13.46 -4.51 -14.32
CA LEU A 132 12.67 -5.05 -15.41
C LEU A 132 12.42 -4.04 -16.52
N ASN A 133 12.34 -2.76 -16.15
CA ASN A 133 12.17 -1.67 -17.13
C ASN A 133 13.46 -0.97 -17.50
N GLY A 134 14.53 -1.30 -16.77
CA GLY A 134 15.88 -0.80 -17.05
C GLY A 134 16.80 -1.97 -17.35
N LYS A 135 17.94 -2.04 -16.65
CA LYS A 135 18.91 -3.18 -16.64
C LYS A 135 18.77 -4.31 -17.68
N LEU A 136 19.83 -5.08 -17.92
CA LEU A 136 19.80 -6.21 -18.90
C LEU A 136 19.44 -5.76 -20.31
N LYS A 137 19.85 -4.55 -20.66
CA LYS A 137 19.34 -3.96 -21.87
C LYS A 137 20.37 -4.04 -22.98
N ASP A 138 20.00 -4.52 -24.17
CA ASP A 138 18.82 -5.36 -24.44
C ASP A 138 19.35 -6.74 -24.86
N ALA A 139 19.48 -7.61 -23.86
CA ALA A 139 20.16 -8.89 -24.02
C ALA A 139 19.52 -9.80 -25.05
N GLU A 140 20.32 -10.72 -25.58
CA GLU A 140 19.83 -11.72 -26.50
C GLU A 140 18.98 -12.79 -25.79
N LYS A 141 19.42 -13.19 -24.59
CA LYS A 141 18.70 -14.20 -23.80
C LYS A 141 18.58 -13.75 -22.33
N PRO A 142 17.83 -12.65 -22.08
CA PRO A 142 17.81 -12.01 -20.77
C PRO A 142 17.07 -12.83 -19.73
N VAL A 143 17.65 -12.94 -18.53
CA VAL A 143 16.99 -13.64 -17.43
C VAL A 143 17.22 -12.81 -16.19
N LEU A 144 16.15 -12.48 -15.48
CA LEU A 144 16.29 -11.78 -14.23
C LEU A 144 15.99 -12.78 -13.11
N PHE A 145 16.94 -12.96 -12.18
CA PHE A 145 16.72 -13.81 -11.04
C PHE A 145 16.29 -12.91 -9.86
N PHE A 146 15.15 -13.22 -9.25
CA PHE A 146 14.68 -12.42 -8.08
C PHE A 146 15.04 -13.18 -6.83
N GLU A 147 15.73 -12.52 -5.92
CA GLU A 147 15.86 -13.07 -4.60
C GLU A 147 14.56 -12.96 -3.82
N ARG A 148 13.94 -14.12 -3.58
CA ARG A 148 12.56 -14.25 -3.06
C ARG A 148 11.48 -13.51 -3.91
N SER A 149 10.22 -13.61 -3.51
CA SER A 149 9.12 -13.02 -4.31
C SER A 149 8.02 -12.39 -3.45
N VAL A 150 7.01 -11.76 -4.09
CA VAL A 150 5.90 -11.16 -3.36
C VAL A 150 5.13 -12.32 -2.76
N TYR A 151 5.27 -13.51 -3.36
CA TYR A 151 4.67 -14.74 -2.81
C TYR A 151 5.40 -15.19 -1.52
N SER A 152 6.73 -15.16 -1.49
CA SER A 152 7.42 -15.42 -0.21
C SER A 152 7.04 -14.39 0.82
N ASP A 153 7.00 -13.10 0.45
CA ASP A 153 6.51 -12.05 1.36
C ASP A 153 5.21 -12.45 2.05
N ARG A 154 4.23 -12.86 1.25
CA ARG A 154 2.90 -13.21 1.75
C ARG A 154 2.78 -14.58 2.45
N TYR A 155 3.26 -15.62 1.78
CA TYR A 155 2.96 -17.02 2.13
C TYR A 155 4.01 -17.68 3.01
N ILE A 156 5.18 -17.07 3.07
CA ILE A 156 6.17 -17.48 4.06
C ILE A 156 6.10 -16.50 5.24
N PHE A 157 6.55 -15.27 5.05
CA PHE A 157 6.81 -14.36 6.18
C PHE A 157 5.56 -13.75 6.82
N ALA A 158 4.64 -13.24 6.00
CA ALA A 158 3.47 -12.54 6.52
C ALA A 158 2.53 -13.57 7.16
N SER A 159 2.40 -14.72 6.51
CA SER A 159 1.58 -15.81 7.06
C SER A 159 2.10 -16.30 8.43
N ASN A 160 3.42 -16.46 8.56
CA ASN A 160 4.06 -16.95 9.82
C ASN A 160 4.00 -15.97 11.00
N LEU A 161 4.00 -14.67 10.70
CA LEU A 161 3.78 -13.65 11.72
C LEU A 161 2.33 -13.69 12.17
N TYR A 162 1.38 -13.90 11.25
CA TYR A 162 -0.01 -14.09 11.66
C TYR A 162 -0.22 -15.38 12.51
N GLU A 163 0.46 -16.45 12.15
CA GLU A 163 0.24 -17.70 12.84
C GLU A 163 0.84 -17.67 14.23
N SER A 164 1.93 -16.91 14.41
CA SER A 164 2.53 -16.75 15.72
CA SER A 164 2.56 -16.72 15.71
C SER A 164 1.97 -15.54 16.49
N GLU A 165 0.82 -15.03 16.04
CA GLU A 165 0.09 -13.94 16.70
C GLU A 165 0.67 -12.53 16.72
N SER A 166 1.70 -12.25 15.89
CA SER A 166 2.23 -10.90 15.78
C SER A 166 1.40 -10.04 14.81
N MET A 167 0.37 -10.64 14.20
CA MET A 167 -0.63 -9.87 13.46
C MET A 167 -1.99 -10.36 13.95
N ASN A 168 -2.91 -9.46 14.25
CA ASN A 168 -4.30 -9.86 14.48
C ASN A 168 -5.05 -10.12 13.14
N GLU A 169 -6.28 -10.63 13.26
CA GLU A 169 -7.14 -10.95 12.11
C GLU A 169 -7.23 -9.82 11.11
N THR A 170 -7.56 -8.64 11.62
CA THR A 170 -7.81 -7.43 10.84
C THR A 170 -6.53 -7.08 10.07
N GLU A 171 -5.38 -7.06 10.77
CA GLU A 171 -4.09 -6.76 10.12
C GLU A 171 -3.78 -7.74 8.99
N TRP A 172 -4.07 -9.03 9.21
CA TRP A 172 -3.78 -10.08 8.26
C TRP A 172 -4.68 -10.00 7.02
N THR A 173 -5.95 -9.65 7.23
CA THR A 173 -6.93 -9.49 6.14
C THR A 173 -6.77 -8.17 5.39
N ILE A 174 -6.42 -7.11 6.09
CA ILE A 174 -6.03 -5.86 5.42
C ILE A 174 -4.77 -6.11 4.59
N TYR A 175 -3.77 -6.80 5.18
CA TYR A 175 -2.57 -7.16 4.42
C TYR A 175 -2.83 -7.97 3.14
N GLN A 176 -3.61 -9.04 3.22
CA GLN A 176 -3.89 -9.87 2.04
C GLN A 176 -4.63 -9.12 0.95
N ASP A 177 -5.59 -8.28 1.35
CA ASP A 177 -6.31 -7.41 0.43
C ASP A 177 -5.33 -6.41 -0.27
N TRP A 178 -4.65 -5.58 0.52
CA TRP A 178 -3.54 -4.71 0.09
C TRP A 178 -2.57 -5.45 -0.83
N HIS A 179 -2.28 -6.72 -0.51
CA HIS A 179 -1.31 -7.50 -1.26
C HIS A 179 -1.86 -7.82 -2.65
N ASP A 180 -3.08 -8.37 -2.65
CA ASP A 180 -3.82 -8.77 -3.86
C ASP A 180 -3.90 -7.63 -4.83
N TRP A 181 -4.10 -6.42 -4.27
CA TRP A 181 -4.34 -5.19 -5.02
C TRP A 181 -3.09 -4.49 -5.52
N MET A 182 -2.14 -4.25 -4.62
CA MET A 182 -0.84 -3.71 -4.97
C MET A 182 -0.22 -4.48 -6.14
N ASN A 183 -0.35 -5.81 -6.10
CA ASN A 183 0.16 -6.65 -7.18
C ASN A 183 -0.63 -6.62 -8.48
N ASN A 184 -1.93 -6.43 -8.38
CA ASN A 184 -2.76 -6.43 -9.59
C ASN A 184 -2.86 -5.07 -10.28
N GLN A 185 -2.84 -3.99 -9.51
CA GLN A 185 -2.63 -2.67 -10.07
C GLN A 185 -1.25 -2.54 -10.68
N PHE A 186 -0.21 -2.81 -9.88
CA PHE A 186 1.16 -2.45 -10.28
C PHE A 186 2.10 -3.55 -10.68
N GLY A 187 1.76 -4.80 -10.35
CA GLY A 187 2.75 -5.85 -10.41
C GLY A 187 2.51 -6.95 -11.41
N GLN A 188 1.59 -6.73 -12.35
CA GLN A 188 1.28 -7.70 -13.42
C GLN A 188 2.53 -8.30 -14.09
N SER A 189 3.39 -7.41 -14.58
CA SER A 189 4.62 -7.74 -15.29
C SER A 189 5.63 -8.44 -14.39
N LEU A 190 5.20 -8.83 -13.17
CA LEU A 190 6.07 -9.53 -12.23
C LEU A 190 5.74 -11.02 -12.10
N GLU A 191 4.86 -11.51 -12.97
CA GLU A 191 4.57 -12.94 -13.01
C GLU A 191 5.85 -13.72 -13.33
N LEU A 192 6.07 -14.81 -12.61
CA LEU A 192 7.32 -15.59 -12.73
C LEU A 192 7.21 -16.67 -13.80
N ASP A 193 8.29 -16.83 -14.58
CA ASP A 193 8.41 -17.91 -15.57
C ASP A 193 8.79 -19.26 -14.94
N GLY A 194 9.34 -19.21 -13.73
CA GLY A 194 9.86 -20.38 -13.02
C GLY A 194 10.33 -20.02 -11.62
N ILE A 195 10.53 -21.06 -10.80
CA ILE A 195 10.99 -20.93 -9.43
C ILE A 195 12.10 -21.95 -9.18
N ILE A 196 13.17 -21.46 -8.58
CA ILE A 196 14.27 -22.30 -8.14
C ILE A 196 14.27 -22.34 -6.61
N TYR A 197 14.00 -23.54 -6.08
CA TYR A 197 13.95 -23.78 -4.66
C TYR A 197 15.30 -24.33 -4.19
N LEU A 198 16.01 -23.57 -3.38
CA LEU A 198 17.25 -24.06 -2.78
C LEU A 198 16.83 -24.73 -1.50
N GLN A 199 16.95 -26.05 -1.49
CA GLN A 199 16.42 -26.86 -0.42
C GLN A 199 17.58 -27.19 0.53
N ALA A 200 17.47 -26.73 1.78
CA ALA A 200 18.40 -27.11 2.85
C ALA A 200 17.63 -27.51 4.12
N THR A 201 18.20 -28.41 4.92
CA THR A 201 17.58 -28.83 6.18
C THR A 201 17.52 -27.64 7.15
N PRO A 202 16.57 -27.65 8.09
CA PRO A 202 16.58 -26.55 9.05
C PRO A 202 17.85 -26.47 9.86
N GLU A 203 18.52 -27.62 10.02
CA GLU A 203 19.80 -27.68 10.72
C GLU A 203 20.97 -27.03 9.96
N THR A 204 21.04 -27.23 8.66
CA THR A 204 22.11 -26.61 7.86
C THR A 204 22.01 -25.09 7.88
N CYS A 205 20.77 -24.61 7.88
CA CYS A 205 20.50 -23.17 7.91
C CYS A 205 21.00 -22.48 9.19
N LEU A 206 20.69 -23.09 10.35
CA LEU A 206 21.17 -22.56 11.66
C LEU A 206 22.70 -22.57 11.72
N HIS A 207 23.32 -23.61 11.17
CA HIS A 207 24.77 -23.70 11.09
C HIS A 207 25.34 -22.65 10.14
N ARG A 208 24.61 -22.42 9.03
CA ARG A 208 24.93 -21.39 8.06
C ARG A 208 24.78 -19.96 8.60
N ILE A 209 23.78 -19.72 9.47
CA ILE A 209 23.66 -18.45 10.22
C ILE A 209 24.90 -18.23 11.11
N TYR A 210 25.28 -19.26 11.87
CA TYR A 210 26.55 -19.24 12.61
C TYR A 210 27.74 -18.92 11.68
N LEU A 211 27.89 -19.67 10.59
CA LEU A 211 28.98 -19.39 9.63
C LEU A 211 29.02 -17.95 9.11
N ARG A 212 27.84 -17.33 9.00
CA ARG A 212 27.73 -15.96 8.48
C ARG A 212 28.00 -14.91 9.57
N GLY A 213 28.14 -15.39 10.82
CA GLY A 213 28.56 -14.59 11.98
C GLY A 213 28.02 -13.18 12.22
N ARG A 214 26.81 -12.87 11.76
CA ARG A 214 26.17 -11.57 12.04
C ARG A 214 25.58 -11.62 13.46
N ASN A 215 25.97 -10.66 14.30
CA ASN A 215 25.62 -10.61 15.73
C ASN A 215 24.12 -10.79 16.02
N GLU A 216 23.30 -10.08 15.26
CA GLU A 216 21.84 -9.93 15.47
C GLU A 216 20.98 -11.13 15.04
N GLU A 217 21.56 -12.00 14.23
CA GLU A 217 20.89 -13.23 13.81
C GLU A 217 21.14 -14.34 14.79
N GLN A 218 22.16 -14.20 15.64
CA GLN A 218 22.62 -15.33 16.44
C GLN A 218 21.58 -15.99 17.35
N GLY A 219 20.56 -15.26 17.76
CA GLY A 219 19.50 -15.82 18.60
C GLY A 219 18.28 -16.38 17.88
N ILE A 220 18.40 -16.65 16.57
CA ILE A 220 17.32 -17.29 15.80
C ILE A 220 17.17 -18.77 16.18
N PRO A 221 15.98 -19.19 16.64
CA PRO A 221 15.76 -20.57 17.08
C PRO A 221 15.57 -21.54 15.92
N LEU A 222 15.84 -22.82 16.16
CA LEU A 222 15.63 -23.88 15.18
C LEU A 222 14.15 -24.14 14.87
N GLU A 223 13.27 -23.93 15.85
CA GLU A 223 11.84 -24.13 15.62
C GLU A 223 11.29 -23.06 14.67
N TYR A 224 11.75 -21.81 14.81
CA TYR A 224 11.40 -20.78 13.82
C TYR A 224 11.84 -21.23 12.41
N LEU A 225 13.07 -21.74 12.28
CA LEU A 225 13.52 -22.31 10.99
C LEU A 225 12.64 -23.46 10.50
N GLU A 226 12.24 -24.34 11.43
CA GLU A 226 11.34 -25.44 11.11
C GLU A 226 9.96 -25.01 10.60
N LYS A 227 9.38 -23.97 11.21
CA LYS A 227 8.10 -23.43 10.72
C LYS A 227 8.23 -22.94 9.28
N LEU A 228 9.22 -22.07 9.04
CA LEU A 228 9.52 -21.59 7.68
C LEU A 228 9.93 -22.70 6.74
N HIS A 229 10.72 -23.66 7.21
CA HIS A 229 11.04 -24.86 6.41
C HIS A 229 9.81 -25.65 6.01
N TYR A 230 8.95 -25.94 6.97
CA TYR A 230 7.71 -26.65 6.65
C TYR A 230 6.82 -25.86 5.68
N LYS A 231 6.78 -24.54 5.83
CA LYS A 231 5.94 -23.69 4.98
C LYS A 231 6.46 -23.64 3.55
N HIS A 232 7.77 -23.69 3.41
CA HIS A 232 8.42 -23.78 2.10
C HIS A 232 8.12 -25.14 1.47
N GLU A 233 8.21 -26.21 2.26
CA GLU A 233 8.05 -27.58 1.77
C GLU A 233 6.64 -27.81 1.23
N SER A 234 5.64 -27.19 1.85
CA SER A 234 4.25 -27.39 1.44
C SER A 234 3.75 -26.47 0.31
N TRP A 235 4.47 -25.37 0.11
CA TRP A 235 4.24 -24.49 -1.04
C TRP A 235 5.00 -25.04 -2.24
N LEU A 236 6.29 -25.31 -2.08
CA LEU A 236 7.14 -25.54 -3.27
C LEU A 236 7.39 -26.98 -3.68
N LEU A 237 7.33 -27.91 -2.71
CA LEU A 237 7.56 -29.35 -2.92
C LEU A 237 6.27 -30.18 -3.05
N HIS A 238 5.42 -30.16 -2.03
CA HIS A 238 4.14 -30.89 -2.06
C HIS A 238 3.08 -30.15 -2.89
N ARG A 239 3.13 -28.82 -2.89
CA ARG A 239 2.20 -27.96 -3.63
C ARG A 239 0.77 -28.02 -3.08
N THR A 240 0.68 -28.32 -1.78
CA THR A 240 -0.57 -28.26 -1.04
C THR A 240 -1.10 -26.83 -0.90
N LEU A 241 -0.19 -25.88 -0.68
CA LEU A 241 -0.55 -24.48 -0.49
C LEU A 241 -1.26 -23.96 -1.72
N LYS A 242 -2.51 -23.54 -1.54
CA LYS A 242 -3.28 -22.84 -2.56
C LYS A 242 -3.14 -21.32 -2.37
N THR A 243 -2.70 -20.63 -3.41
CA THR A 243 -2.59 -19.18 -3.32
C THR A 243 -3.79 -18.56 -4.03
N ASN A 244 -3.90 -17.24 -3.94
CA ASN A 244 -4.88 -16.52 -4.72
C ASN A 244 -4.31 -16.25 -6.11
N PHE A 245 -3.17 -16.86 -6.42
CA PHE A 245 -2.49 -16.59 -7.68
C PHE A 245 -2.49 -17.85 -8.54
N ASP A 246 -3.63 -18.10 -9.16
CA ASP A 246 -3.90 -19.33 -9.90
C ASP A 246 -2.77 -19.76 -10.86
N TYR A 247 -2.19 -18.80 -11.58
CA TYR A 247 -1.08 -19.09 -12.50
C TYR A 247 0.11 -19.76 -11.79
N LEU A 248 0.34 -19.39 -10.52
CA LEU A 248 1.45 -19.98 -9.76
C LEU A 248 1.33 -21.48 -9.73
N GLN A 249 0.12 -21.93 -9.40
CA GLN A 249 -0.19 -23.35 -9.15
C GLN A 249 0.34 -24.31 -10.22
N GLU A 250 0.79 -23.76 -11.35
CA GLU A 250 1.43 -24.54 -12.40
C GLU A 250 2.64 -23.83 -13.02
N VAL A 251 3.36 -23.05 -12.22
CA VAL A 251 4.65 -22.51 -12.65
C VAL A 251 5.75 -23.57 -12.39
N PRO A 252 6.66 -23.75 -13.36
CA PRO A 252 7.64 -24.81 -13.20
C PRO A 252 8.58 -24.50 -12.02
N ILE A 253 8.97 -25.54 -11.30
CA ILE A 253 9.81 -25.43 -10.11
C ILE A 253 11.02 -26.33 -10.27
N LEU A 254 12.17 -25.80 -9.90
CA LEU A 254 13.42 -26.54 -9.89
C LEU A 254 13.93 -26.59 -8.46
N THR A 255 13.98 -27.79 -7.89
CA THR A 255 14.36 -27.98 -6.50
C THR A 255 15.77 -28.56 -6.38
N LEU A 256 16.68 -27.77 -5.81
CA LEU A 256 18.10 -28.08 -5.68
C LEU A 256 18.45 -28.29 -4.23
N ASP A 257 19.33 -29.27 -3.96
CA ASP A 257 19.78 -29.60 -2.60
C ASP A 257 21.10 -28.92 -2.26
N VAL A 258 21.08 -27.90 -1.40
CA VAL A 258 22.30 -27.17 -1.09
C VAL A 258 22.82 -27.44 0.31
N ASN A 259 22.40 -28.54 0.91
CA ASN A 259 22.95 -28.95 2.21
C ASN A 259 24.47 -28.97 2.12
N GLU A 260 25.01 -29.76 1.19
CA GLU A 260 26.46 -29.83 0.98
C GLU A 260 26.97 -28.52 0.37
N ASP A 261 28.11 -28.04 0.89
CA ASP A 261 28.76 -26.79 0.40
C ASP A 261 28.95 -26.77 -1.11
N PHE A 262 28.42 -25.71 -1.74
CA PHE A 262 28.53 -25.53 -3.18
C PHE A 262 29.44 -24.40 -3.62
N LYS A 263 29.96 -23.60 -2.68
CA LYS A 263 30.77 -22.41 -3.07
C LYS A 263 31.97 -22.74 -3.96
N ASP A 264 32.56 -23.92 -3.77
CA ASP A 264 33.69 -24.35 -4.61
C ASP A 264 33.34 -25.46 -5.59
N LYS A 265 32.07 -25.85 -5.62
CA LYS A 265 31.66 -27.01 -6.39
C LYS A 265 30.21 -26.79 -6.73
N TYR A 266 29.97 -25.85 -7.64
CA TYR A 266 28.63 -25.48 -8.03
C TYR A 266 28.19 -25.90 -9.42
N GLU A 267 29.10 -26.44 -10.23
CA GLU A 267 28.81 -26.68 -11.68
C GLU A 267 27.60 -27.57 -11.96
N SER A 268 27.42 -28.59 -11.14
CA SER A 268 26.25 -29.47 -11.29
CA SER A 268 26.25 -29.48 -11.27
C SER A 268 24.97 -28.67 -11.01
N LEU A 269 25.01 -27.77 -10.03
CA LEU A 269 23.85 -26.90 -9.76
C LEU A 269 23.55 -25.98 -10.98
N VAL A 270 24.60 -25.37 -11.54
CA VAL A 270 24.46 -24.44 -12.67
C VAL A 270 23.94 -25.18 -13.90
N GLU A 271 24.37 -26.45 -14.04
CA GLU A 271 23.90 -27.31 -15.12
C GLU A 271 22.40 -27.53 -15.03
N LYS A 272 21.89 -27.77 -13.81
CA LYS A 272 20.46 -27.95 -13.59
C LYS A 272 19.63 -26.73 -13.87
N VAL A 273 20.19 -25.54 -13.58
CA VAL A 273 19.51 -24.29 -13.85
C VAL A 273 19.45 -24.02 -15.36
N LYS A 274 20.55 -24.28 -16.07
CA LYS A 274 20.57 -24.06 -17.52
C LYS A 274 19.62 -24.99 -18.27
N GLU A 275 19.54 -26.25 -17.82
CA GLU A 275 18.58 -27.23 -18.35
C GLU A 275 17.13 -26.75 -18.11
N PHE A 276 16.81 -26.42 -16.85
CA PHE A 276 15.51 -25.83 -16.42
C PHE A 276 15.11 -24.61 -17.27
N LEU A 277 16.07 -23.73 -17.57
CA LEU A 277 15.80 -22.51 -18.36
C LEU A 277 15.38 -22.80 -19.81
N SER A 278 16.07 -23.75 -20.43
CA SER A 278 15.76 -24.16 -21.81
C SER A 278 14.36 -24.77 -21.89
N THR A 279 13.96 -25.51 -20.85
CA THR A 279 12.66 -26.18 -20.82
C THR A 279 11.47 -25.22 -20.71
N LEU A 280 11.70 -23.97 -20.32
CA LEU A 280 10.59 -23.03 -20.25
C LEU A 280 10.30 -22.53 -21.66
N THR B 39 -10.37 14.37 -19.63
CA THR B 39 -10.45 13.27 -20.62
C THR B 39 -10.88 11.95 -19.97
N ARG B 40 -12.16 11.59 -20.11
CA ARG B 40 -13.20 12.50 -20.60
C ARG B 40 -14.32 12.69 -19.56
N ILE B 41 -14.22 11.94 -18.46
CA ILE B 41 -15.01 12.19 -17.26
C ILE B 41 -14.30 13.29 -16.47
N LYS B 42 -15.02 14.35 -16.13
CA LYS B 42 -14.44 15.34 -15.25
C LYS B 42 -14.53 14.81 -13.83
N LYS B 43 -13.48 15.01 -13.05
CA LYS B 43 -13.47 14.56 -11.67
C LYS B 43 -13.25 15.73 -10.74
N ILE B 44 -14.25 16.00 -9.92
CA ILE B 44 -14.20 17.11 -8.98
C ILE B 44 -14.32 16.58 -7.57
N SER B 45 -13.39 16.92 -6.69
CA SER B 45 -13.47 16.50 -5.32
CA SER B 45 -13.42 16.52 -5.30
C SER B 45 -14.12 17.58 -4.45
N ILE B 46 -14.96 17.11 -3.52
CA ILE B 46 -15.62 17.94 -2.52
C ILE B 46 -14.80 17.83 -1.21
N GLU B 47 -14.29 18.96 -0.77
CA GLU B 47 -13.45 19.00 0.43
C GLU B 47 -14.13 19.87 1.47
N GLY B 48 -13.98 19.49 2.72
CA GLY B 48 -14.39 20.34 3.82
C GLY B 48 -14.18 19.63 5.13
N ASN B 49 -14.21 20.41 6.22
CA ASN B 49 -14.11 19.85 7.57
C ASN B 49 -15.21 18.83 7.88
N ILE B 50 -15.03 18.02 8.92
CA ILE B 50 -16.06 17.06 9.33
C ILE B 50 -17.37 17.80 9.65
N ALA B 51 -18.47 17.23 9.18
CA ALA B 51 -19.84 17.74 9.40
C ALA B 51 -20.04 19.15 8.84
N ALA B 52 -19.15 19.56 7.93
CA ALA B 52 -19.30 20.83 7.20
C ALA B 52 -20.52 20.76 6.29
N GLY B 53 -20.78 19.59 5.71
CA GLY B 53 -21.96 19.38 4.86
C GLY B 53 -21.75 18.80 3.47
N LYS B 54 -20.69 17.99 3.31
CA LYS B 54 -20.34 17.35 2.03
C LYS B 54 -21.29 16.21 1.60
N SER B 55 -21.69 15.37 2.54
CA SER B 55 -22.67 14.34 2.25
C SER B 55 -24.03 14.89 1.81
N THR B 56 -24.56 15.84 2.58
CA THR B 56 -25.80 16.56 2.29
C THR B 56 -25.78 17.25 0.91
N PHE B 57 -24.64 17.81 0.55
CA PHE B 57 -24.50 18.56 -0.72
C PHE B 57 -24.25 17.64 -1.94
N VAL B 58 -23.53 16.53 -1.76
CA VAL B 58 -23.51 15.57 -2.86
C VAL B 58 -24.84 14.87 -3.06
N ASN B 59 -25.60 14.61 -1.99
CA ASN B 59 -26.92 13.98 -2.17
C ASN B 59 -27.88 14.92 -2.92
N ILE B 60 -27.72 16.22 -2.67
CA ILE B 60 -28.43 17.25 -3.43
C ILE B 60 -27.95 17.34 -4.92
N LEU B 61 -26.64 17.50 -5.13
CA LEU B 61 -26.07 17.56 -6.48
C LEU B 61 -26.49 16.39 -7.38
N LYS B 62 -26.36 15.15 -6.87
CA LYS B 62 -26.56 13.97 -7.73
C LYS B 62 -27.99 13.76 -8.25
N GLN B 63 -28.97 14.36 -7.59
CA GLN B 63 -30.35 14.32 -8.09
C GLN B 63 -30.58 15.15 -9.38
N LEU B 64 -29.73 16.13 -9.61
CA LEU B 64 -30.00 17.23 -10.58
C LEU B 64 -29.48 17.06 -12.03
N SER B 65 -28.95 15.88 -12.34
CA SER B 65 -28.35 15.59 -13.67
C SER B 65 -27.90 14.15 -13.69
N GLU B 66 -28.32 13.42 -14.71
CA GLU B 66 -27.96 12.01 -14.82
C GLU B 66 -26.50 11.88 -15.26
N ASP B 67 -25.95 12.97 -15.79
CA ASP B 67 -24.52 13.04 -16.13
C ASP B 67 -23.60 13.32 -14.93
N TRP B 68 -24.18 13.51 -13.75
CA TRP B 68 -23.42 13.77 -12.52
C TRP B 68 -23.53 12.58 -11.60
N GLU B 69 -22.38 12.00 -11.27
CA GLU B 69 -22.30 10.99 -10.21
C GLU B 69 -21.40 11.38 -9.05
N VAL B 70 -21.55 10.62 -7.96
CA VAL B 70 -20.87 10.86 -6.70
C VAL B 70 -20.10 9.62 -6.21
N VAL B 71 -19.03 9.86 -5.44
CA VAL B 71 -18.26 8.81 -4.82
C VAL B 71 -18.16 9.04 -3.31
N PRO B 72 -19.00 8.33 -2.52
CA PRO B 72 -19.00 8.46 -1.07
C PRO B 72 -17.65 8.03 -0.53
N GLU B 73 -17.19 8.67 0.53
CA GLU B 73 -15.86 8.32 0.98
C GLU B 73 -15.89 7.04 1.83
N PRO B 74 -14.93 6.15 1.60
CA PRO B 74 -15.04 4.84 2.26
C PRO B 74 -15.21 4.97 3.77
N VAL B 75 -14.43 5.86 4.41
CA VAL B 75 -14.45 5.99 5.87
C VAL B 75 -15.86 6.25 6.36
N ALA B 76 -16.58 7.16 5.70
CA ALA B 76 -17.92 7.56 6.12
C ALA B 76 -18.86 6.36 6.04
N ARG B 77 -18.56 5.43 5.13
CA ARG B 77 -19.25 4.15 5.03
C ARG B 77 -18.95 3.24 6.21
N TRP B 78 -17.65 3.04 6.49
CA TRP B 78 -17.19 2.28 7.66
C TRP B 78 -17.86 2.74 8.96
N SER B 79 -18.52 3.89 8.94
CA SER B 79 -19.40 4.32 10.04
C SER B 79 -20.81 3.80 9.77
N ASN B 80 -21.47 3.30 10.81
CA ASN B 80 -22.90 2.93 10.73
C ASN B 80 -23.45 2.37 12.04
N GLU B 90 -24.59 -10.47 6.18
CA GLU B 90 -23.14 -10.52 5.99
C GLU B 90 -22.59 -9.23 5.34
N LEU B 91 -21.73 -8.53 6.08
CA LEU B 91 -21.05 -7.33 5.60
C LEU B 91 -19.80 -7.71 4.81
N THR B 92 -19.28 -6.76 4.03
CA THR B 92 -18.22 -7.06 3.06
C THR B 92 -16.85 -7.23 3.76
N MET B 93 -15.83 -7.63 3.02
CA MET B 93 -14.51 -7.75 3.59
C MET B 93 -14.05 -6.36 4.10
N GLU B 94 -13.97 -5.41 3.18
CA GLU B 94 -13.51 -4.07 3.48
C GLU B 94 -14.26 -3.39 4.63
N GLN B 95 -15.58 -3.53 4.65
CA GLN B 95 -16.44 -2.87 5.67
C GLN B 95 -16.20 -3.43 7.05
N LYS B 96 -15.83 -4.70 7.09
CA LYS B 96 -15.61 -5.37 8.36
C LYS B 96 -14.26 -4.94 8.89
N ASN B 97 -13.24 -4.97 8.02
CA ASN B 97 -11.94 -4.42 8.36
C ASN B 97 -12.04 -2.95 8.75
N GLY B 98 -12.79 -2.19 7.97
CA GLY B 98 -12.90 -0.75 8.19
C GLY B 98 -13.44 -0.36 9.57
N GLY B 99 -14.60 -0.93 9.92
CA GLY B 99 -15.23 -0.74 11.23
C GLY B 99 -14.33 -1.17 12.38
N ASN B 100 -13.63 -2.29 12.22
CA ASN B 100 -12.68 -2.77 13.23
C ASN B 100 -11.48 -1.84 13.36
N VAL B 101 -10.88 -1.50 12.23
CA VAL B 101 -9.75 -0.59 12.27
C VAL B 101 -10.17 0.82 12.76
N LEU B 102 -11.40 1.25 12.47
CA LEU B 102 -11.94 2.55 13.02
C LEU B 102 -12.07 2.60 14.55
N GLN B 103 -12.65 1.55 15.14
CA GLN B 103 -12.86 1.51 16.58
C GLN B 103 -11.55 1.47 17.38
N MET B 104 -10.59 0.73 16.86
CA MET B 104 -9.28 0.62 17.49
CA MET B 104 -9.26 0.60 17.45
C MET B 104 -8.59 1.97 17.37
N MET B 105 -8.71 2.57 16.19
CA MET B 105 -8.17 3.87 15.91
C MET B 105 -8.64 4.90 16.92
N TYR B 106 -9.94 4.87 17.19
CA TYR B 106 -10.57 5.68 18.20
C TYR B 106 -10.02 5.27 19.57
N GLU B 107 -10.00 3.96 19.84
CA GLU B 107 -9.57 3.44 21.13
C GLU B 107 -8.11 3.72 21.45
N LYS B 108 -7.28 3.99 20.44
CA LYS B 108 -5.83 3.97 20.63
C LYS B 108 -5.13 4.46 19.36
N PRO B 109 -5.31 5.75 19.01
CA PRO B 109 -4.82 6.25 17.70
C PRO B 109 -3.32 6.10 17.43
N GLU B 110 -2.51 6.19 18.48
CA GLU B 110 -1.07 6.05 18.38
C GLU B 110 -0.62 4.61 18.00
N ARG B 111 -1.55 3.65 18.05
CA ARG B 111 -1.26 2.28 17.63
C ARG B 111 -1.72 2.08 16.18
N TRP B 112 -2.86 2.69 15.86
CA TRP B 112 -3.63 2.37 14.66
C TRP B 112 -3.64 3.42 13.54
N SER B 113 -2.94 4.54 13.73
CA SER B 113 -2.98 5.64 12.77
C SER B 113 -2.37 5.25 11.42
N PHE B 114 -1.19 4.63 11.43
CA PHE B 114 -0.55 4.19 10.19
C PHE B 114 -1.38 3.14 9.46
N THR B 115 -1.99 2.21 10.20
CA THR B 115 -2.76 1.14 9.55
C THR B 115 -4.04 1.67 8.96
N PHE B 116 -4.76 2.46 9.76
CA PHE B 116 -6.02 3.09 9.33
C PHE B 116 -5.82 3.90 8.04
N GLN B 117 -4.85 4.83 8.08
CA GLN B 117 -4.60 5.72 6.97
C GLN B 117 -4.25 5.04 5.65
N THR B 118 -3.50 3.94 5.69
CA THR B 118 -3.19 3.23 4.43
C THR B 118 -4.41 2.46 3.90
N TYR B 119 -5.20 1.85 4.80
CA TYR B 119 -6.38 1.09 4.36
C TYR B 119 -7.43 2.02 3.79
N ALA B 120 -7.62 3.17 4.45
CA ALA B 120 -8.59 4.18 4.02
C ALA B 120 -8.23 4.76 2.66
N CYS B 121 -6.95 5.00 2.45
CA CYS B 121 -6.55 5.56 1.19
C CYS B 121 -6.54 4.55 0.05
N LEU B 122 -6.11 3.32 0.35
CA LEU B 122 -6.16 2.23 -0.63
C LEU B 122 -7.59 1.99 -1.09
N SER B 123 -8.50 1.92 -0.11
CA SER B 123 -9.92 1.76 -0.33
C SER B 123 -10.55 2.93 -1.09
N ARG B 124 -10.10 4.17 -0.83
CA ARG B 124 -10.56 5.33 -1.60
C ARG B 124 -10.17 5.21 -3.08
N ILE B 125 -8.92 4.84 -3.34
CA ILE B 125 -8.45 4.73 -4.71
C ILE B 125 -9.30 3.67 -5.45
N ARG B 126 -9.54 2.56 -4.76
CA ARG B 126 -10.38 1.47 -5.22
C ARG B 126 -11.78 1.90 -5.64
N ALA B 127 -12.48 2.58 -4.74
CA ALA B 127 -13.80 3.12 -5.01
C ALA B 127 -13.83 4.15 -6.16
N GLN B 128 -12.81 5.00 -6.24
CA GLN B 128 -12.74 6.01 -7.31
C GLN B 128 -12.42 5.43 -8.71
N LEU B 129 -11.52 4.43 -8.77
CA LEU B 129 -11.22 3.73 -10.02
C LEU B 129 -12.40 2.92 -10.54
N ALA B 130 -13.15 2.26 -9.65
CA ALA B 130 -14.38 1.57 -10.05
C ALA B 130 -15.37 2.54 -10.69
N SER B 131 -15.60 3.67 -10.03
CA SER B 131 -16.48 4.71 -10.54
C SER B 131 -16.14 5.16 -11.95
N LEU B 132 -14.89 5.53 -12.22
CA LEU B 132 -14.44 5.76 -13.59
C LEU B 132 -15.04 4.70 -14.53
N ASN B 133 -14.81 3.43 -14.17
CA ASN B 133 -15.21 2.24 -14.97
C ASN B 133 -16.70 1.97 -15.11
N GLY B 134 -17.40 1.82 -14.00
CA GLY B 134 -18.81 1.45 -14.05
C GLY B 134 -19.75 2.59 -14.41
N LYS B 135 -19.22 3.82 -14.45
CA LYS B 135 -20.12 5.00 -14.46
C LYS B 135 -19.97 5.98 -15.63
N LEU B 136 -21.08 6.61 -15.99
CA LEU B 136 -21.11 7.73 -16.93
C LEU B 136 -20.46 7.35 -18.26
N LYS B 137 -20.72 6.10 -18.66
CA LYS B 137 -20.12 5.49 -19.81
C LYS B 137 -20.41 6.33 -21.05
N ASP B 138 -21.65 6.31 -21.54
CA ASP B 138 -22.10 7.29 -22.54
C ASP B 138 -23.13 8.30 -21.98
N ALA B 139 -22.62 9.47 -21.62
CA ALA B 139 -23.42 10.65 -21.32
C ALA B 139 -22.60 11.82 -21.86
N GLU B 140 -23.23 12.98 -22.09
CA GLU B 140 -22.61 14.06 -22.87
C GLU B 140 -21.51 14.84 -22.15
N LYS B 141 -21.75 15.19 -20.89
CA LYS B 141 -20.75 15.92 -20.08
C LYS B 141 -20.64 15.28 -18.69
N PRO B 142 -19.95 14.11 -18.61
CA PRO B 142 -19.87 13.40 -17.32
C PRO B 142 -19.09 14.16 -16.25
N VAL B 143 -19.66 14.20 -15.05
CA VAL B 143 -18.93 14.76 -13.90
C VAL B 143 -19.02 13.77 -12.75
N LEU B 144 -17.87 13.46 -12.17
CA LEU B 144 -17.80 12.59 -11.03
C LEU B 144 -17.41 13.44 -9.83
N PHE B 145 -18.24 13.42 -8.80
CA PHE B 145 -17.98 14.21 -7.61
C PHE B 145 -17.50 13.29 -6.48
N PHE B 146 -16.21 13.35 -6.16
CA PHE B 146 -15.62 12.56 -5.04
C PHE B 146 -15.91 13.22 -3.71
N GLU B 147 -16.45 12.47 -2.76
CA GLU B 147 -16.47 12.96 -1.40
C GLU B 147 -15.05 12.81 -0.84
N ARG B 148 -14.37 13.95 -0.73
CA ARG B 148 -12.93 14.03 -0.37
C ARG B 148 -12.02 13.35 -1.44
N SER B 149 -10.72 13.28 -1.18
CA SER B 149 -9.72 12.89 -2.16
C SER B 149 -8.51 12.27 -1.49
N VAL B 150 -7.58 11.74 -2.30
CA VAL B 150 -6.33 11.14 -1.85
C VAL B 150 -5.50 12.23 -1.17
N TYR B 151 -5.75 13.48 -1.53
CA TYR B 151 -5.02 14.59 -0.95
C TYR B 151 -5.56 15.05 0.43
N SER B 152 -6.84 14.83 0.74
CA SER B 152 -7.21 15.02 2.15
C SER B 152 -6.70 13.86 3.03
N ASP B 153 -6.70 12.63 2.49
CA ASP B 153 -6.14 11.51 3.25
C ASP B 153 -4.80 11.90 3.89
N ARG B 154 -3.94 12.51 3.09
CA ARG B 154 -2.58 12.75 3.52
C ARG B 154 -2.42 14.11 4.19
N TYR B 155 -2.75 15.18 3.47
CA TYR B 155 -2.45 16.53 3.94
C TYR B 155 -3.45 17.14 4.93
N ILE B 156 -4.62 16.53 5.10
CA ILE B 156 -5.46 16.90 6.23
C ILE B 156 -5.28 15.85 7.35
N PHE B 157 -5.65 14.60 7.11
CA PHE B 157 -5.78 13.62 8.23
C PHE B 157 -4.49 12.93 8.72
N ALA B 158 -3.77 12.27 7.81
CA ALA B 158 -2.57 11.57 8.21
C ALA B 158 -1.64 12.61 8.82
N SER B 159 -1.46 13.74 8.11
CA SER B 159 -0.63 14.86 8.54
C SER B 159 -0.98 15.34 9.94
N ASN B 160 -2.24 15.69 10.15
CA ASN B 160 -2.72 15.97 11.50
C ASN B 160 -2.26 14.91 12.50
N LEU B 161 -2.43 13.65 12.15
CA LEU B 161 -2.17 12.53 13.04
C LEU B 161 -0.68 12.48 13.38
N TYR B 162 0.18 12.68 12.39
CA TYR B 162 1.61 12.83 12.64
C TYR B 162 1.88 13.98 13.62
N GLU B 163 1.24 15.13 13.38
CA GLU B 163 1.42 16.34 14.16
C GLU B 163 0.98 16.17 15.61
N SER B 164 0.03 15.27 15.83
CA SER B 164 -0.41 14.92 17.18
CA SER B 164 -0.40 14.93 17.18
C SER B 164 0.34 13.72 17.75
N GLU B 165 1.43 13.31 17.10
CA GLU B 165 2.27 12.21 17.53
C GLU B 165 1.49 10.90 17.59
N SER B 166 0.47 10.82 16.74
CA SER B 166 -0.29 9.60 16.65
C SER B 166 0.43 8.66 15.69
N MET B 167 1.25 9.23 14.82
CA MET B 167 2.21 8.46 14.01
C MET B 167 3.62 8.99 14.24
N ASN B 168 4.55 8.07 14.50
CA ASN B 168 5.96 8.43 14.69
C ASN B 168 6.64 8.76 13.36
N GLU B 169 7.83 9.35 13.40
CA GLU B 169 8.57 9.69 12.19
C GLU B 169 8.71 8.60 11.11
N THR B 170 9.12 7.39 11.51
CA THR B 170 9.30 6.28 10.53
C THR B 170 7.93 5.96 9.86
N GLU B 171 6.86 5.86 10.67
CA GLU B 171 5.48 5.61 10.15
C GLU B 171 5.09 6.62 9.10
N TRP B 172 5.14 7.90 9.47
CA TRP B 172 4.80 9.04 8.62
C TRP B 172 5.59 9.08 7.32
N THR B 173 6.90 8.87 7.44
CA THR B 173 7.80 8.78 6.29
C THR B 173 7.45 7.57 5.38
N ILE B 174 7.11 6.43 6.01
CA ILE B 174 6.63 5.20 5.28
C ILE B 174 5.31 5.46 4.53
N TYR B 175 4.35 6.10 5.23
CA TYR B 175 3.08 6.52 4.62
C TYR B 175 3.32 7.38 3.36
N GLN B 176 4.18 8.39 3.51
CA GLN B 176 4.45 9.34 2.44
C GLN B 176 5.14 8.68 1.25
N ASP B 177 6.09 7.80 1.57
CA ASP B 177 6.75 7.01 0.52
C ASP B 177 5.73 6.28 -0.37
N TRP B 178 4.84 5.53 0.28
CA TRP B 178 3.79 4.72 -0.33
C TRP B 178 2.79 5.58 -1.11
N HIS B 179 2.38 6.68 -0.47
CA HIS B 179 1.45 7.62 -1.10
C HIS B 179 2.07 8.24 -2.36
N ASP B 180 3.35 8.63 -2.28
CA ASP B 180 4.04 9.23 -3.44
C ASP B 180 4.03 8.32 -4.64
N TRP B 181 4.54 7.11 -4.41
CA TRP B 181 4.79 6.15 -5.46
C TRP B 181 3.49 5.70 -6.07
N MET B 182 2.55 5.35 -5.21
CA MET B 182 1.28 4.82 -5.66
C MET B 182 0.48 5.79 -6.55
N ASN B 183 0.43 7.08 -6.18
CA ASN B 183 -0.28 8.04 -7.02
C ASN B 183 0.52 8.41 -8.28
N ASN B 184 1.85 8.23 -8.19
CA ASN B 184 2.77 8.35 -9.33
C ASN B 184 2.41 7.40 -10.47
N GLN B 185 1.87 6.24 -10.11
CA GLN B 185 1.59 5.19 -11.06
C GLN B 185 0.36 5.46 -11.91
N PHE B 186 -0.59 6.22 -11.37
CA PHE B 186 -1.82 6.50 -12.10
C PHE B 186 -1.68 7.69 -13.03
N GLY B 187 -0.95 8.71 -12.58
CA GLY B 187 -0.69 9.89 -13.41
C GLY B 187 -1.88 10.83 -13.55
N GLN B 188 -2.45 10.92 -14.76
CA GLN B 188 -3.59 11.81 -15.04
C GLN B 188 -4.96 11.18 -14.73
N SER B 189 -4.96 9.89 -14.37
CA SER B 189 -6.18 9.10 -14.33
C SER B 189 -7.12 9.42 -13.15
N LEU B 190 -6.62 9.40 -11.91
CA LEU B 190 -7.47 9.84 -10.77
C LEU B 190 -7.37 11.35 -10.50
N GLU B 191 -6.42 11.98 -11.18
CA GLU B 191 -6.09 13.38 -11.01
C GLU B 191 -7.29 14.29 -11.25
N LEU B 192 -7.40 15.27 -10.37
CA LEU B 192 -8.56 16.14 -10.30
C LEU B 192 -8.54 17.22 -11.35
N ASP B 193 -9.75 17.62 -11.74
CA ASP B 193 -9.98 18.72 -12.67
C ASP B 193 -10.37 19.99 -11.90
N GLY B 194 -10.88 19.80 -10.67
CA GLY B 194 -11.40 20.88 -9.83
C GLY B 194 -11.65 20.41 -8.40
N ILE B 195 -11.51 21.34 -7.46
CA ILE B 195 -11.90 21.14 -6.08
C ILE B 195 -12.99 22.14 -5.76
N ILE B 196 -14.04 21.65 -5.13
CA ILE B 196 -14.99 22.50 -4.42
C ILE B 196 -14.73 22.39 -2.93
N TYR B 197 -14.38 23.51 -2.32
CA TYR B 197 -14.18 23.61 -0.88
C TYR B 197 -15.45 24.10 -0.14
N LEU B 198 -16.03 23.26 0.71
CA LEU B 198 -17.17 23.70 1.53
C LEU B 198 -16.65 24.14 2.88
N GLN B 199 -16.48 25.46 3.00
CA GLN B 199 -15.86 26.10 4.14
C GLN B 199 -16.91 26.48 5.18
N ALA B 200 -16.73 25.91 6.38
CA ALA B 200 -17.56 26.18 7.57
C ALA B 200 -16.65 26.38 8.77
N THR B 201 -16.93 27.37 9.59
CA THR B 201 -16.22 27.49 10.88
C THR B 201 -16.40 26.22 11.76
N PRO B 202 -15.43 25.94 12.64
CA PRO B 202 -15.59 24.83 13.57
C PRO B 202 -16.85 24.91 14.46
N GLU B 203 -17.29 26.12 14.81
CA GLU B 203 -18.54 26.26 15.58
C GLU B 203 -19.68 25.66 14.80
N THR B 204 -19.79 26.05 13.53
CA THR B 204 -20.82 25.53 12.62
C THR B 204 -20.72 24.01 12.60
N CYS B 205 -19.51 23.53 12.31
CA CYS B 205 -19.20 22.12 12.27
C CYS B 205 -19.51 21.46 13.62
N LEU B 206 -19.10 22.11 14.71
CA LEU B 206 -19.36 21.63 16.08
C LEU B 206 -20.87 21.49 16.31
N HIS B 207 -21.61 22.57 16.05
CA HIS B 207 -23.06 22.54 16.16
C HIS B 207 -23.60 21.41 15.31
N ARG B 208 -23.07 21.28 14.09
CA ARG B 208 -23.58 20.29 13.14
C ARG B 208 -23.32 18.85 13.52
N ILE B 209 -22.19 18.59 14.17
CA ILE B 209 -21.92 17.29 14.82
C ILE B 209 -23.00 17.00 15.86
N TYR B 210 -23.41 18.05 16.58
CA TYR B 210 -24.55 17.96 17.52
C TYR B 210 -25.84 17.59 16.78
N LEU B 211 -26.08 18.22 15.62
CA LEU B 211 -27.32 17.95 14.86
C LEU B 211 -27.36 16.57 14.28
N ARG B 212 -26.21 16.08 13.83
CA ARG B 212 -26.12 14.75 13.24
C ARG B 212 -26.31 13.71 14.33
N GLY B 213 -25.74 14.00 15.51
CA GLY B 213 -25.98 13.27 16.74
C GLY B 213 -25.44 11.86 16.80
N ARG B 214 -24.27 11.62 16.23
CA ARG B 214 -23.62 10.29 16.28
C ARG B 214 -22.86 10.16 17.59
N ASN B 215 -23.02 9.01 18.24
CA ASN B 215 -22.38 8.73 19.54
C ASN B 215 -20.89 8.99 19.63
N GLU B 216 -20.14 8.31 18.76
CA GLU B 216 -18.69 8.43 18.74
C GLU B 216 -18.22 9.83 18.30
N GLU B 217 -19.17 10.69 17.97
CA GLU B 217 -18.88 12.04 17.47
C GLU B 217 -19.03 13.17 18.51
N GLN B 218 -19.79 12.98 19.57
CA GLN B 218 -19.90 14.09 20.55
C GLN B 218 -18.60 14.31 21.32
N GLY B 219 -17.73 13.29 21.32
CA GLY B 219 -16.40 13.40 21.91
C GLY B 219 -15.54 14.39 21.15
N ILE B 220 -15.74 14.46 19.82
CA ILE B 220 -14.90 15.27 18.96
C ILE B 220 -14.77 16.69 19.52
N PRO B 221 -13.56 17.04 19.98
CA PRO B 221 -13.39 18.27 20.71
C PRO B 221 -13.33 19.44 19.76
N LEU B 222 -13.73 20.62 20.26
CA LEU B 222 -13.71 21.80 19.42
C LEU B 222 -12.31 22.07 18.89
N GLU B 223 -11.28 21.85 19.71
CA GLU B 223 -9.91 22.19 19.26
C GLU B 223 -9.29 21.21 18.20
N TYR B 224 -9.79 19.99 18.11
CA TYR B 224 -9.41 19.14 16.97
C TYR B 224 -10.03 19.78 15.70
N LEU B 225 -11.33 20.08 15.74
CA LEU B 225 -11.96 20.77 14.59
C LEU B 225 -11.23 22.04 14.13
N GLU B 226 -10.68 22.84 15.06
CA GLU B 226 -10.01 24.07 14.68
C GLU B 226 -8.71 23.84 13.89
N LYS B 227 -7.90 22.89 14.34
CA LYS B 227 -6.68 22.44 13.62
C LYS B 227 -7.00 21.94 12.19
N LEU B 228 -8.05 21.14 12.05
CA LEU B 228 -8.42 20.65 10.69
C LEU B 228 -8.80 21.84 9.78
N HIS B 229 -9.51 22.80 10.37
CA HIS B 229 -9.86 24.04 9.68
C HIS B 229 -8.59 24.73 9.18
N TYR B 230 -7.62 24.95 10.08
CA TYR B 230 -6.33 25.52 9.72
C TYR B 230 -5.77 24.91 8.42
N LYS B 231 -5.65 23.59 8.39
CA LYS B 231 -5.10 22.90 7.26
C LYS B 231 -5.96 23.02 6.00
N HIS B 232 -7.28 23.03 6.15
CA HIS B 232 -8.19 23.28 5.02
C HIS B 232 -7.99 24.69 4.44
N GLU B 233 -7.86 25.70 5.31
CA GLU B 233 -7.70 27.08 4.85
C GLU B 233 -6.39 27.20 4.06
N SER B 234 -5.32 26.71 4.69
CA SER B 234 -3.98 26.76 4.09
CA SER B 234 -3.97 26.74 4.11
C SER B 234 -3.85 26.06 2.74
N TRP B 235 -4.44 24.86 2.60
CA TRP B 235 -4.41 24.14 1.31
C TRP B 235 -5.34 24.79 0.29
N LEU B 236 -6.58 25.04 0.70
CA LEU B 236 -7.57 25.43 -0.32
C LEU B 236 -7.91 26.90 -0.45
N LEU B 237 -7.68 27.71 0.60
CA LEU B 237 -7.99 29.16 0.60
C LEU B 237 -6.74 30.04 0.41
N HIS B 238 -5.84 30.04 1.39
CA HIS B 238 -4.61 30.86 1.24
C HIS B 238 -3.57 30.23 0.31
N ARG B 239 -3.83 29.01 -0.14
CA ARG B 239 -2.91 28.17 -0.96
C ARG B 239 -1.43 28.17 -0.55
N THR B 240 -1.19 28.00 0.74
CA THR B 240 0.17 28.06 1.34
C THR B 240 0.80 26.69 1.64
N LEU B 241 0.08 25.60 1.34
CA LEU B 241 0.59 24.27 1.61
C LEU B 241 1.50 23.86 0.49
N LYS B 242 2.75 23.52 0.81
CA LYS B 242 3.59 22.84 -0.16
C LYS B 242 3.14 21.38 -0.21
N THR B 243 3.11 20.81 -1.41
CA THR B 243 2.69 19.42 -1.61
C THR B 243 3.57 18.82 -2.69
N ASN B 244 3.42 17.51 -2.91
CA ASN B 244 4.33 16.75 -3.74
C ASN B 244 3.69 16.22 -5.03
N PHE B 245 2.69 16.94 -5.53
CA PHE B 245 2.05 16.60 -6.80
C PHE B 245 1.99 17.89 -7.59
N ASP B 246 2.65 17.92 -8.74
CA ASP B 246 2.93 19.18 -9.43
C ASP B 246 1.66 19.97 -9.77
N TYR B 247 0.71 19.33 -10.45
CA TYR B 247 -0.49 20.03 -10.94
C TYR B 247 -1.40 20.69 -9.88
N LEU B 248 -1.31 20.28 -8.61
CA LEU B 248 -2.23 20.83 -7.58
C LEU B 248 -2.13 22.34 -7.42
N GLN B 249 -0.99 22.90 -7.82
CA GLN B 249 -0.78 24.35 -7.74
C GLN B 249 -1.71 25.06 -8.72
N GLU B 250 -1.99 24.38 -9.83
CA GLU B 250 -2.77 24.91 -10.93
C GLU B 250 -4.28 24.67 -10.76
N VAL B 251 -4.64 23.47 -10.26
CA VAL B 251 -6.04 23.04 -10.19
C VAL B 251 -6.99 24.13 -9.69
N PRO B 252 -8.03 24.40 -10.48
CA PRO B 252 -9.10 25.33 -10.09
C PRO B 252 -9.78 24.91 -8.78
N ILE B 253 -10.08 25.90 -7.94
CA ILE B 253 -10.81 25.68 -6.68
C ILE B 253 -11.92 26.69 -6.55
N LEU B 254 -13.14 26.16 -6.43
CA LEU B 254 -14.28 26.94 -5.99
C LEU B 254 -14.49 26.80 -4.48
N THR B 255 -14.50 27.94 -3.77
CA THR B 255 -14.88 28.00 -2.36
C THR B 255 -16.32 28.44 -2.20
N LEU B 256 -17.05 27.74 -1.34
CA LEU B 256 -18.45 28.01 -1.10
C LEU B 256 -18.60 28.20 0.40
N ASP B 257 -19.09 29.38 0.80
CA ASP B 257 -19.42 29.60 2.21
C ASP B 257 -20.67 28.79 2.55
N VAL B 258 -20.58 27.87 3.52
CA VAL B 258 -21.72 26.99 3.80
C VAL B 258 -22.24 27.07 5.24
N ASN B 259 -21.83 28.14 5.94
CA ASN B 259 -22.26 28.39 7.32
C ASN B 259 -23.77 28.54 7.45
N GLU B 260 -24.40 28.93 6.34
CA GLU B 260 -25.84 29.01 6.23
C GLU B 260 -26.41 27.63 5.89
N ASP B 261 -27.42 27.19 6.64
CA ASP B 261 -28.20 25.98 6.32
C ASP B 261 -28.65 26.15 4.88
N PHE B 262 -28.57 25.06 4.10
CA PHE B 262 -28.82 25.10 2.69
C PHE B 262 -29.66 23.92 2.20
N LYS B 263 -30.21 23.13 3.13
CA LYS B 263 -31.02 21.93 2.80
C LYS B 263 -32.23 22.12 1.87
N ASP B 264 -33.16 23.01 2.21
CA ASP B 264 -34.25 23.32 1.29
C ASP B 264 -34.00 24.67 0.58
N LYS B 265 -32.74 25.08 0.44
CA LYS B 265 -32.39 26.38 -0.14
C LYS B 265 -30.95 26.40 -0.71
N TYR B 266 -30.78 25.76 -1.87
CA TYR B 266 -29.44 25.49 -2.36
C TYR B 266 -29.16 25.93 -3.79
N GLU B 267 -30.08 26.69 -4.39
CA GLU B 267 -29.95 27.06 -5.80
C GLU B 267 -28.73 27.92 -6.08
N SER B 268 -28.47 28.90 -5.20
CA SER B 268 -27.34 29.80 -5.40
CA SER B 268 -27.34 29.80 -5.40
C SER B 268 -26.02 29.01 -5.39
N LEU B 269 -25.92 28.03 -4.47
CA LEU B 269 -24.71 27.20 -4.39
C LEU B 269 -24.54 26.37 -5.67
N VAL B 270 -25.65 25.84 -6.17
CA VAL B 270 -25.68 24.99 -7.37
C VAL B 270 -25.33 25.81 -8.60
N GLU B 271 -25.92 27.01 -8.68
CA GLU B 271 -25.60 27.94 -9.75
C GLU B 271 -24.12 28.20 -9.85
N LYS B 272 -23.46 28.46 -8.69
CA LYS B 272 -21.98 28.59 -8.64
C LYS B 272 -21.24 27.37 -9.15
N VAL B 273 -21.72 26.18 -8.80
CA VAL B 273 -21.13 24.93 -9.27
C VAL B 273 -21.23 24.76 -10.79
N LYS B 274 -22.42 25.02 -11.33
CA LYS B 274 -22.65 24.99 -12.77
C LYS B 274 -21.71 25.97 -13.50
N GLU B 275 -21.53 27.16 -12.93
CA GLU B 275 -20.60 28.19 -13.46
C GLU B 275 -19.13 27.77 -13.33
N PHE B 276 -18.79 27.10 -12.24
CA PHE B 276 -17.45 26.54 -12.05
C PHE B 276 -17.13 25.50 -13.14
N LEU B 277 -18.01 24.51 -13.30
CA LEU B 277 -17.86 23.44 -14.30
C LEU B 277 -17.62 23.91 -15.74
N SER B 278 -18.46 24.83 -16.20
CA SER B 278 -18.33 25.37 -17.55
C SER B 278 -16.99 26.14 -17.76
N THR B 279 -16.06 26.04 -16.81
CA THR B 279 -14.69 26.56 -17.02
C THR B 279 -13.63 25.47 -17.06
N LEU B 280 -14.03 24.23 -16.87
CA LEU B 280 -13.06 23.15 -16.77
C LEU B 280 -13.05 22.33 -18.06
FAD 1NM C . 7.88 -16.94 14.65
CAJ 1NM C . 7.71 -15.48 15.22
CAK 1NM C . 8.70 -14.48 14.58
OAQ 1NM C . 8.93 -13.40 15.52
CAZ 1NM C . 9.99 -12.58 15.25
CAI 1NM C . 10.35 -12.18 13.96
CAY 1NM C . 10.70 -12.13 16.38
OAP 1NM C . 10.27 -12.54 17.59
CAA 1NM C . 11.08 -11.98 18.63
CAF 1NM C . 11.79 -11.27 16.24
CAE 1NM C . 12.17 -10.90 14.96
CAW 1NM C . 11.46 -11.33 13.82
CBA 1NM C . 11.93 -10.91 12.66
NAO 1NM C . 11.66 -11.44 11.46
SAS 1NM C . 13.00 -9.69 12.49
CAG 1NM C . 13.13 -9.83 10.82
CAV 1NM C . 12.32 -10.83 10.46
CAL 1NM C . 12.16 -11.26 8.99
SAR 1NM C . 10.56 -10.69 8.28
C2 1NM C . 10.80 -10.78 6.56
N3 1NM C . 9.74 -10.54 5.75
N1 1NM C . 12.03 -11.06 6.04
C6 1NM C . 12.18 -11.11 4.73
NAB 1NM C . 13.39 -11.36 4.25
C5 1NM C . 11.09 -10.88 3.87
C4 1NM C . 9.85 -10.60 4.43
NAC 1NM C . 8.78 -10.35 3.64
FAD 1NM D . 15.21 -12.30 20.52
CAJ 1NM D . 14.29 -13.23 19.83
CAK 1NM D . 14.97 -13.89 18.60
OAQ 1NM D . 14.21 -15.04 18.15
CAZ 1NM D . 13.72 -14.93 16.87
CAI 1NM D . 14.42 -14.25 15.87
CAY 1NM D . 12.49 -15.53 16.58
OAP 1NM D . 11.85 -16.20 17.62
CAA 1NM D . 10.50 -16.63 17.34
CAF 1NM D . 11.96 -15.44 15.30
CAE 1NM D . 12.65 -14.75 14.30
CAW 1NM D . 13.87 -14.14 14.59
CBA 1NM D . 14.55 -13.52 13.63
NAO 1NM D . 15.57 -12.71 13.82
SAS 1NM D . 14.36 -13.78 12.02
CAG 1NM D . 15.57 -12.76 11.54
CAV 1NM D . 16.11 -12.27 12.67
CAL 1NM D . 17.29 -11.30 12.64
SAR 1NM D . 16.78 -9.55 12.38
C2 1NM D . 18.24 -8.73 11.80
N3 1NM D . 19.09 -9.41 11.02
N1 1NM D . 18.49 -7.43 12.11
C6 1NM D . 19.61 -6.81 11.65
NAB 1NM D . 19.88 -5.53 11.95
C5 1NM D . 20.51 -7.51 10.86
C4 1NM D . 20.22 -8.84 10.55
NAC 1NM D . 21.05 -9.56 9.81
N1 UDP E . 27.45 -20.69 2.75
C2 UDP E . 28.46 -21.70 2.67
N3 UDP E . 28.37 -22.65 1.73
C4 UDP E . 27.35 -22.65 0.85
C5 UDP E . 26.34 -21.69 0.93
C6 UDP E . 26.41 -20.71 1.91
O2 UDP E . 29.43 -21.68 3.49
O4 UDP E . 27.27 -23.52 -0.04
C1' UDP E . 27.56 -19.68 3.79
C2' UDP E . 27.55 -18.26 3.24
O2' UDP E . 28.79 -17.70 2.82
C3' UDP E . 26.96 -17.46 4.39
C4' UDP E . 25.92 -18.42 4.92
O4' UDP E . 26.39 -19.76 4.58
O3' UDP E . 27.97 -17.23 5.38
C5' UDP E . 24.54 -18.21 4.34
O5' UDP E . 24.59 -17.97 2.92
PA UDP E . 23.66 -16.82 2.32
O1A UDP E . 23.85 -15.60 3.18
O2A UDP E . 24.00 -16.67 0.87
O3A UDP E . 22.16 -17.42 2.53
PB UDP E . 20.79 -16.60 2.27
O1B UDP E . 21.06 -15.50 1.34
O2B UDP E . 20.30 -16.10 3.60
O3B UDP E . 19.86 -17.67 1.70
FAD 1NM F . -5.02 13.64 16.55
CAJ 1NM F . -5.26 13.34 18.15
CAK 1NM F . -6.13 12.09 18.40
OAQ 1NM F . -6.91 11.88 17.22
CAZ 1NM F . -7.93 10.99 17.14
CAI 1NM F . -8.50 10.72 15.88
CAY 1NM F . -8.43 10.35 18.29
OAP 1NM F . -7.90 10.60 19.52
CAA 1NM F . -8.54 9.82 20.56
CAF 1NM F . -9.47 9.44 18.17
CAE 1NM F . -10.03 9.17 16.93
CAW 1NM F . -9.55 9.80 15.79
CBA 1NM F . -10.17 9.47 14.65
NAO 1NM F . -10.06 10.03 13.44
SAS 1NM F . -11.28 8.25 14.59
CAG 1NM F . -11.65 8.44 13.00
CAV 1NM F . -10.90 9.43 12.53
CAL 1NM F . -11.00 9.83 11.06
SAR 1NM F . -9.38 10.29 10.32
C2 1NM F . -9.72 10.20 8.59
N3 1NM F . -8.70 9.81 7.80
N1 1NM F . -10.95 10.49 8.06
C6 1NM F . -11.13 10.39 6.74
NAB 1NM F . -12.31 10.66 6.17
C5 1NM F . -10.09 10.00 5.91
C4 1NM F . -8.85 9.72 6.48
NAC 1NM F . -7.84 9.32 5.71
FAD 1NM G . -12.38 12.35 23.24
CAJ 1NM G . -12.88 11.14 22.59
CAK 1NM G . -12.12 10.93 21.27
OAQ 1NM G . -11.31 12.12 21.06
CAZ 1NM G . -11.15 12.53 19.77
CAI 1NM G . -11.91 12.00 18.70
CAY 1NM G . -10.17 13.50 19.56
OAP 1NM G . -9.47 13.96 20.66
CAA 1NM G . -8.15 14.51 20.41
CAF 1NM G . -9.93 13.96 18.26
CAE 1NM G . -10.69 13.43 17.21
CAW 1NM G . -11.66 12.45 17.42
CBA 1NM G . -12.38 11.99 16.38
NAO 1NM G . -13.44 11.18 16.42
SAS 1NM G . -12.09 12.41 14.81
CAG 1NM G . -13.35 11.51 14.15
CAV 1NM G . -13.95 10.92 15.19
CAL 1NM G . -15.17 10.01 14.97
SAR 1NM G . -14.98 8.38 15.78
C2 1NM G . -16.15 7.33 14.92
N3 1NM G . -17.08 7.87 14.12
N1 1NM G . -16.11 5.99 15.12
C6 1NM G . -16.99 5.19 14.48
NAB 1NM G . -16.94 3.87 14.67
C5 1NM G . -17.96 5.74 13.64
C4 1NM G . -17.98 7.11 13.46
NAC 1NM G . -18.88 7.70 12.68
N1 UDP H . -26.76 19.89 7.84
C2 UDP H . -27.70 20.94 8.02
N3 UDP H . -27.86 21.87 7.08
C4 UDP H . -27.16 21.83 5.94
C5 UDP H . -26.22 20.82 5.73
C6 UDP H . -26.05 19.84 6.70
O2 UDP H . -28.37 21.00 9.07
O4 UDP H . -27.32 22.71 5.06
C1' UDP H . -26.59 18.87 8.89
C2' UDP H . -26.82 17.47 8.33
O2' UDP H . -28.18 17.09 8.44
C3' UDP H . -25.86 16.60 9.14
C4' UDP H . -24.78 17.55 9.66
O4' UDP H . -25.25 18.88 9.43
O3' UDP H . -26.54 16.00 10.23
C5' UDP H . -23.47 17.28 8.92
O5' UDP H . -23.69 17.32 7.53
PA UDP H . -23.09 16.27 6.47
O1A UDP H . -23.44 16.65 5.10
O2A UDP H . -23.44 14.86 6.80
O3A UDP H . -21.52 16.56 6.75
PB UDP H . -20.24 15.88 6.05
O1B UDP H . -19.43 17.06 5.62
O2B UDP H . -19.53 15.09 7.10
O3B UDP H . -20.69 14.96 4.97
#